data_1OE4
#
_entry.id   1OE4
#
_cell.length_a   121.681
_cell.length_b   85.936
_cell.length_c   79.126
_cell.angle_alpha   90.00
_cell.angle_beta   118.36
_cell.angle_gamma   90.00
#
_symmetry.space_group_name_H-M   'C 1 2 1'
#
loop_
_entity.id
_entity.type
_entity.pdbx_description
1 polymer 'SINGLE-STRAND SELECTIVE MONOFUNCTIONAL URACIL DNA GLYCOSYLASE'
2 polymer "5'-D(*CP*CP*CP*GP*TP*GP*AP*GP*TP*CP*CP*G)-3'"
3 polymer "5'-D(*CP*GP*GP*AP*CP*TP*3DR*AP*CP*GP*GP*G)-3'"
4 non-polymer GLYCEROL
5 non-polymer 'ISOPROPYL ALCOHOL'
6 water water
#
loop_
_entity_poly.entity_id
_entity_poly.type
_entity_poly.pdbx_seq_one_letter_code
_entity_poly.pdbx_strand_id
1 'polypeptide(L)'
;TESPADSFLKVELELNLKLSNLVFQDPVQYVYNPLVYAWAPHENYVQTYCKSKKEVLFLGMNPGPFGMAQTGVPFGEVNH
VRDWLQIEGPVSKPEVEHPKRRIRGFECPQSEVSGARFWSLFKSLCGQPETFFKHCFVHNHCPLIFMNHSGKNLTPTDLP
KAQRDTLLEICDEALCQAVRVLGVKLVIGVGRFSEQRARKALMAEGIDVTVKGIMHPSPRNPQANKGWEGIVRGQLLELG
VLSLLTG
;
A,B
2 'polydeoxyribonucleotide' (DC)(DC)(DC)(DG)(DT)(DG)(DA)(DG)(DT)(DC)(DC)(DG) E
3 'polydeoxyribonucleotide' (DC)(DG)(DG)(DA)(DC)(DT)(3DR)(DA)(DC)(DG)(DG)(DG) F
#
loop_
_chem_comp.id
_chem_comp.type
_chem_comp.name
_chem_comp.formula
3DR DNA linking 1',2'-DIDEOXYRIBOFURANOSE-5'-PHOSPHATE 'C5 H11 O6 P'
DA DNA linking 2'-DEOXYADENOSINE-5'-MONOPHOSPHATE 'C10 H14 N5 O6 P'
DC DNA linking 2'-DEOXYCYTIDINE-5'-MONOPHOSPHATE 'C9 H14 N3 O7 P'
DG DNA linking 2'-DEOXYGUANOSINE-5'-MONOPHOSPHATE 'C10 H14 N5 O7 P'
DT DNA linking THYMIDINE-5'-MONOPHOSPHATE 'C10 H15 N2 O8 P'
GOL non-polymer GLYCEROL 'C3 H8 O3'
IPA non-polymer 'ISOPROPYL ALCOHOL' 'C3 H8 O'
#
# COMPACT_ATOMS: atom_id res chain seq x y z
N GLU A 2 1.37 35.00 12.22
CA GLU A 2 1.76 34.49 10.88
C GLU A 2 0.54 34.01 10.11
N SER A 3 0.62 34.08 8.77
CA SER A 3 -0.41 33.52 7.90
C SER A 3 -0.04 32.09 7.51
N PRO A 4 -0.95 31.15 7.75
CA PRO A 4 -0.69 29.77 7.33
C PRO A 4 -0.99 29.49 5.86
N ALA A 5 -1.39 30.48 5.06
CA ALA A 5 -1.81 30.22 3.66
C ALA A 5 -0.73 29.47 2.87
N ASP A 6 0.49 29.99 2.87
CA ASP A 6 1.59 29.39 2.11
C ASP A 6 1.90 28.00 2.62
N SER A 7 1.90 27.81 3.94
CA SER A 7 2.16 26.50 4.53
C SER A 7 1.07 25.51 4.15
N PHE A 8 -0.18 25.97 4.15
CA PHE A 8 -1.32 25.13 3.79
C PHE A 8 -1.23 24.68 2.33
N LEU A 9 -0.92 25.59 1.44
CA LEU A 9 -0.77 25.27 0.01
C LEU A 9 0.36 24.26 -0.24
N LYS A 10 1.43 24.37 0.55
CA LYS A 10 2.54 23.43 0.47
C LYS A 10 2.10 22.02 0.89
N VAL A 11 1.24 21.93 1.88
CA VAL A 11 0.70 20.63 2.28
C VAL A 11 -0.12 20.03 1.14
N GLU A 12 -0.95 20.85 0.52
CA GLU A 12 -1.76 20.39 -0.61
C GLU A 12 -0.92 19.99 -1.82
N LEU A 13 0.12 20.75 -2.12
CA LEU A 13 1.01 20.39 -3.22
C LEU A 13 1.77 19.07 -2.94
N GLU A 14 2.13 18.83 -1.70
CA GLU A 14 2.80 17.59 -1.31
C GLU A 14 1.85 16.40 -1.47
N LEU A 15 0.60 16.60 -1.06
CA LEU A 15 -0.45 15.60 -1.24
C LEU A 15 -0.66 15.27 -2.72
N ASN A 16 -0.76 16.30 -3.57
CA ASN A 16 -0.94 16.10 -5.01
C ASN A 16 0.16 15.22 -5.57
N LEU A 17 1.40 15.45 -5.12
CA LEU A 17 2.54 14.67 -5.59
C LEU A 17 2.36 13.18 -5.29
N LYS A 18 2.00 12.87 -4.05
CA LYS A 18 1.71 11.49 -3.64
C LYS A 18 0.53 10.87 -4.38
N LEU A 19 -0.55 11.65 -4.61
CA LEU A 19 -1.72 11.14 -5.30
C LEU A 19 -1.43 10.90 -6.79
N SER A 20 -0.56 11.71 -7.38
CA SER A 20 -0.26 11.65 -8.80
C SER A 20 0.40 10.33 -9.19
N ASN A 21 1.04 9.69 -8.22
CA ASN A 21 1.68 8.39 -8.43
C ASN A 21 0.77 7.18 -8.20
N LEU A 22 -0.46 7.40 -7.73
CA LEU A 22 -1.43 6.33 -7.56
C LEU A 22 -2.02 5.87 -8.89
N VAL A 23 -2.34 4.59 -8.96
CA VAL A 23 -2.99 3.99 -10.12
C VAL A 23 -4.27 3.32 -9.61
N PHE A 24 -5.41 3.72 -10.15
CA PHE A 24 -6.69 3.13 -9.79
C PHE A 24 -7.13 2.21 -10.91
N GLN A 25 -8.06 1.31 -10.62
CA GLN A 25 -8.62 0.42 -11.65
C GLN A 25 -10.01 0.00 -11.28
N ASP A 26 -10.50 -1.01 -12.00
CA ASP A 26 -11.53 -1.93 -11.49
C ASP A 26 -12.89 -1.38 -11.89
N PRO A 27 -13.68 -0.76 -11.00
CA PRO A 27 -14.75 0.10 -11.50
C PRO A 27 -14.27 1.54 -11.72
N VAL A 28 -13.16 1.97 -11.11
CA VAL A 28 -12.66 3.32 -11.39
C VAL A 28 -12.15 3.38 -12.83
N GLN A 29 -12.77 4.26 -13.62
CA GLN A 29 -12.32 4.49 -15.00
C GLN A 29 -11.79 5.91 -15.22
N TYR A 30 -12.24 6.86 -14.40
CA TYR A 30 -11.84 8.25 -14.51
C TYR A 30 -11.49 8.81 -13.12
N VAL A 31 -10.46 9.64 -13.08
CA VAL A 31 -10.00 10.26 -11.86
C VAL A 31 -9.65 11.71 -12.19
N TYR A 32 -10.33 12.67 -11.57
CA TYR A 32 -10.01 14.07 -11.75
C TYR A 32 -9.41 14.60 -10.45
N ASN A 33 -8.36 15.42 -10.57
CA ASN A 33 -7.85 16.22 -9.45
C ASN A 33 -7.97 17.74 -9.74
N PRO A 34 -9.01 18.38 -9.23
CA PRO A 34 -9.17 19.83 -9.45
C PRO A 34 -8.09 20.67 -8.79
N LEU A 35 -7.30 20.12 -7.88
CA LEU A 35 -6.16 20.89 -7.37
C LEU A 35 -4.97 20.89 -8.34
N VAL A 36 -5.12 20.22 -9.48
CA VAL A 36 -4.23 20.38 -10.62
C VAL A 36 -4.87 21.37 -11.61
N TYR A 37 -5.98 20.99 -12.26
CA TYR A 37 -6.58 21.79 -13.34
C TYR A 37 -7.36 23.03 -12.89
N ALA A 38 -7.73 23.09 -11.61
CA ALA A 38 -8.35 24.29 -11.04
C ALA A 38 -7.54 24.84 -9.87
N TRP A 39 -6.22 24.72 -9.95
CA TRP A 39 -5.35 25.21 -8.90
C TRP A 39 -5.49 26.73 -8.71
N ALA A 40 -5.67 27.46 -9.80
CA ALA A 40 -5.70 28.92 -9.71
C ALA A 40 -6.81 29.46 -8.79
N PRO A 41 -8.08 29.10 -9.04
CA PRO A 41 -9.12 29.55 -8.12
C PRO A 41 -8.95 28.96 -6.73
N HIS A 42 -8.38 27.76 -6.62
CA HIS A 42 -8.16 27.19 -5.29
C HIS A 42 -7.16 28.05 -4.51
N GLU A 43 -6.06 28.41 -5.15
CA GLU A 43 -5.02 29.21 -4.50
C GLU A 43 -5.55 30.59 -4.13
N ASN A 44 -6.42 31.15 -4.97
CA ASN A 44 -7.11 32.40 -4.69
C ASN A 44 -7.96 32.28 -3.42
C ASN A 44 -7.96 32.28 -3.42
N TYR A 45 -8.68 31.17 -3.32
CA TYR A 45 -9.50 30.88 -2.16
C TYR A 45 -8.65 30.84 -0.89
N VAL A 46 -7.53 30.12 -0.95
CA VAL A 46 -6.70 29.94 0.23
C VAL A 46 -6.05 31.28 0.61
N GLN A 47 -5.48 31.98 -0.37
CA GLN A 47 -4.81 33.25 -0.06
C GLN A 47 -5.78 34.32 0.47
N THR A 48 -7.05 34.27 0.04
CA THR A 48 -8.04 35.26 0.46
C THR A 48 -8.59 34.98 1.84
N TYR A 49 -8.79 33.71 2.18
CA TYR A 49 -9.58 33.36 3.36
C TYR A 49 -8.84 32.54 4.41
N CYS A 50 -7.54 32.37 4.23
CA CYS A 50 -6.68 31.64 5.17
C CYS A 50 -5.50 32.52 5.59
N LYS A 51 -5.79 33.70 6.08
CA LYS A 51 -4.78 34.72 6.39
C LYS A 51 -4.30 34.69 7.83
N SER A 52 -4.91 33.84 8.64
CA SER A 52 -4.47 33.64 10.01
C SER A 52 -4.78 32.22 10.43
N LYS A 53 -4.34 31.85 11.63
CA LYS A 53 -4.62 30.53 12.16
C LYS A 53 -6.11 30.47 12.44
N LYS A 54 -6.67 29.26 12.48
CA LYS A 54 -8.10 29.06 12.59
C LYS A 54 -8.46 28.28 13.86
N GLU A 55 -9.65 28.54 14.39
CA GLU A 55 -10.22 27.75 15.48
C GLU A 55 -10.95 26.48 14.99
N VAL A 56 -11.66 26.59 13.85
CA VAL A 56 -12.60 25.56 13.42
C VAL A 56 -12.33 25.21 11.95
N LEU A 57 -12.27 23.91 11.65
CA LEU A 57 -12.16 23.42 10.26
C LEU A 57 -13.36 22.56 9.93
N PHE A 58 -14.16 22.96 8.95
CA PHE A 58 -15.17 22.09 8.38
C PHE A 58 -14.49 21.21 7.35
N LEU A 59 -14.76 19.92 7.40
CA LEU A 59 -14.08 18.94 6.57
C LEU A 59 -15.08 18.09 5.85
N GLY A 60 -15.10 18.21 4.53
CA GLY A 60 -15.88 17.33 3.67
C GLY A 60 -15.08 16.10 3.26
N MET A 61 -15.75 15.19 2.58
CA MET A 61 -15.15 13.94 2.13
C MET A 61 -14.32 14.17 0.84
N ASN A 62 -14.99 14.51 -0.25
CA ASN A 62 -14.31 14.78 -1.52
C ASN A 62 -15.24 15.64 -2.43
N PRO A 63 -14.76 16.12 -3.58
CA PRO A 63 -15.55 16.99 -4.45
C PRO A 63 -16.76 16.29 -5.06
N GLY A 64 -17.80 17.06 -5.30
CA GLY A 64 -18.91 16.64 -6.13
C GLY A 64 -18.68 17.13 -7.55
N PRO A 65 -19.34 16.49 -8.49
CA PRO A 65 -19.09 16.70 -9.92
C PRO A 65 -19.35 18.12 -10.45
N PHE A 66 -20.23 18.89 -9.82
CA PHE A 66 -20.58 20.25 -10.28
C PHE A 66 -20.12 21.38 -9.35
N GLY A 67 -19.41 21.02 -8.30
CA GLY A 67 -18.94 21.96 -7.31
C GLY A 67 -17.44 22.11 -7.38
N MET A 68 -16.74 21.58 -6.39
CA MET A 68 -15.29 21.68 -6.38
C MET A 68 -14.63 21.10 -7.66
N ALA A 69 -15.22 20.07 -8.28
CA ALA A 69 -14.65 19.52 -9.52
C ALA A 69 -14.59 20.58 -10.63
N GLN A 70 -15.43 21.61 -10.52
CA GLN A 70 -15.45 22.71 -11.48
C GLN A 70 -14.68 23.94 -11.01
N THR A 71 -14.78 24.27 -9.73
CA THR A 71 -14.30 25.57 -9.24
C THR A 71 -13.01 25.52 -8.45
N GLY A 72 -12.61 24.32 -8.03
CA GLY A 72 -11.47 24.16 -7.14
C GLY A 72 -11.65 24.65 -5.70
N VAL A 73 -12.88 25.00 -5.30
CA VAL A 73 -13.20 25.44 -3.95
C VAL A 73 -14.08 24.40 -3.26
N PRO A 74 -13.77 24.05 -2.00
CA PRO A 74 -14.59 23.06 -1.27
C PRO A 74 -16.06 23.46 -1.23
N PHE A 75 -16.92 22.47 -1.38
CA PHE A 75 -18.35 22.66 -1.51
C PHE A 75 -18.67 23.73 -2.54
N GLY A 76 -17.84 23.78 -3.58
CA GLY A 76 -17.75 24.94 -4.44
C GLY A 76 -18.78 25.09 -5.55
N GLU A 77 -20.05 25.19 -5.18
CA GLU A 77 -21.14 25.44 -6.12
C GLU A 77 -20.89 26.78 -6.82
N VAL A 78 -21.05 26.81 -8.14
CA VAL A 78 -20.59 27.94 -8.95
C VAL A 78 -21.17 29.29 -8.52
N ASN A 79 -22.48 29.40 -8.34
CA ASN A 79 -23.07 30.70 -8.00
C ASN A 79 -22.58 31.26 -6.68
N HIS A 80 -22.56 30.44 -5.63
CA HIS A 80 -22.11 30.92 -4.33
C HIS A 80 -20.62 31.22 -4.35
N VAL A 81 -19.83 30.47 -5.10
CA VAL A 81 -18.38 30.76 -5.18
C VAL A 81 -18.15 32.10 -5.90
N ARG A 82 -18.84 32.30 -7.01
CA ARG A 82 -18.68 33.52 -7.80
C ARG A 82 -19.22 34.74 -7.08
N ASP A 83 -20.39 34.61 -6.44
CA ASP A 83 -21.14 35.76 -5.95
C ASP A 83 -20.92 36.07 -4.47
N TRP A 84 -20.75 35.06 -3.63
CA TRP A 84 -20.57 35.29 -2.20
C TRP A 84 -19.08 35.25 -1.84
N LEU A 85 -18.42 34.13 -2.10
CA LEU A 85 -16.96 34.05 -1.92
C LEU A 85 -16.20 35.03 -2.83
N GLN A 86 -16.76 35.35 -3.99
CA GLN A 86 -16.09 36.23 -4.97
C GLN A 86 -14.70 35.70 -5.35
N ILE A 87 -14.66 34.39 -5.65
CA ILE A 87 -13.45 33.74 -6.10
C ILE A 87 -13.63 33.29 -7.55
N GLU A 88 -12.67 33.63 -8.39
CA GLU A 88 -12.62 33.11 -9.74
C GLU A 88 -11.17 32.90 -10.14
N GLY A 89 -10.97 32.31 -11.31
CA GLY A 89 -9.65 32.13 -11.87
C GLY A 89 -9.75 31.15 -13.02
N PRO A 90 -8.70 31.02 -13.81
CA PRO A 90 -8.74 30.10 -14.95
C PRO A 90 -8.85 28.63 -14.50
N VAL A 91 -9.64 27.87 -15.24
CA VAL A 91 -9.77 26.43 -15.03
C VAL A 91 -9.47 25.72 -16.35
N SER A 92 -8.60 24.72 -16.31
CA SER A 92 -8.33 23.94 -17.52
C SER A 92 -9.16 22.64 -17.45
N LYS A 93 -8.63 21.53 -17.92
CA LYS A 93 -9.38 20.28 -17.87
C LYS A 93 -8.52 19.11 -17.49
N PRO A 94 -9.14 18.05 -16.98
CA PRO A 94 -8.42 16.81 -16.71
C PRO A 94 -7.90 16.23 -18.02
N GLU A 95 -6.83 15.45 -17.93
CA GLU A 95 -6.22 14.83 -19.11
C GLU A 95 -7.20 13.93 -19.86
N VAL A 96 -8.00 13.16 -19.13
CA VAL A 96 -8.99 12.26 -19.72
C VAL A 96 -10.35 12.48 -19.05
N GLU A 97 -11.29 13.06 -19.81
CA GLU A 97 -12.64 13.34 -19.31
C GLU A 97 -13.63 12.27 -19.76
N HIS A 98 -14.59 11.95 -18.91
CA HIS A 98 -15.77 11.21 -19.33
C HIS A 98 -16.66 12.21 -20.10
N PRO A 99 -17.17 11.81 -21.27
CA PRO A 99 -17.97 12.73 -22.11
C PRO A 99 -19.22 13.33 -21.45
N LYS A 100 -19.76 12.70 -20.42
CA LYS A 100 -20.89 13.26 -19.67
C LYS A 100 -20.44 14.13 -18.48
N ARG A 101 -19.14 14.18 -18.21
CA ARG A 101 -18.63 14.95 -17.08
C ARG A 101 -17.45 15.79 -17.50
N ARG A 102 -17.65 16.62 -18.52
CA ARG A 102 -16.62 17.52 -18.98
C ARG A 102 -16.54 18.68 -18.00
N ILE A 103 -15.34 19.24 -17.83
CA ILE A 103 -15.15 20.33 -16.89
C ILE A 103 -15.32 21.65 -17.64
N ARG A 104 -16.30 22.44 -17.22
CA ARG A 104 -16.54 23.76 -17.80
C ARG A 104 -16.14 24.90 -16.85
N GLY A 105 -15.67 24.54 -15.66
CA GLY A 105 -15.30 25.54 -14.67
C GLY A 105 -16.44 26.44 -14.25
N PHE A 106 -16.16 27.73 -14.24
CA PHE A 106 -17.15 28.74 -13.85
C PHE A 106 -18.31 28.89 -14.85
N GLU A 107 -18.22 28.21 -15.99
CA GLU A 107 -19.32 28.08 -16.95
C GLU A 107 -20.20 26.85 -16.76
N CYS A 108 -19.89 26.02 -15.77
CA CYS A 108 -20.72 24.85 -15.48
C CYS A 108 -22.13 25.36 -15.14
N PRO A 109 -23.14 24.95 -15.90
CA PRO A 109 -24.50 25.44 -15.66
C PRO A 109 -25.26 24.69 -14.55
N GLN A 110 -24.79 23.51 -14.11
CA GLN A 110 -25.44 22.72 -13.07
C GLN A 110 -25.04 23.20 -11.67
N SER A 111 -25.98 23.09 -10.74
CA SER A 111 -25.76 23.46 -9.36
C SER A 111 -25.43 22.20 -8.56
N GLU A 112 -24.34 22.22 -7.80
CA GLU A 112 -24.08 21.17 -6.82
C GLU A 112 -24.93 21.49 -5.57
N VAL A 113 -25.96 20.68 -5.32
CA VAL A 113 -26.92 20.94 -4.25
C VAL A 113 -26.24 20.99 -2.88
N SER A 114 -25.35 20.03 -2.62
CA SER A 114 -24.61 19.97 -1.37
C SER A 114 -23.90 21.29 -1.07
N GLY A 115 -23.24 21.82 -2.08
CA GLY A 115 -22.50 23.03 -1.94
C GLY A 115 -23.37 24.25 -1.81
N ALA A 116 -24.47 24.29 -2.58
CA ALA A 116 -25.39 25.42 -2.49
C ALA A 116 -25.96 25.49 -1.08
N ARG A 117 -26.35 24.33 -0.55
CA ARG A 117 -26.88 24.28 0.83
C ARG A 117 -25.86 24.76 1.86
N PHE A 118 -24.65 24.26 1.73
CA PHE A 118 -23.57 24.54 2.66
C PHE A 118 -23.26 26.03 2.72
N TRP A 119 -22.96 26.63 1.57
CA TRP A 119 -22.58 28.05 1.56
C TRP A 119 -23.77 29.00 1.80
N SER A 120 -24.99 28.60 1.43
CA SER A 120 -26.18 29.37 1.73
C SER A 120 -26.42 29.45 3.25
N LEU A 121 -26.11 28.38 3.97
CA LEU A 121 -26.21 28.39 5.41
C LEU A 121 -25.29 29.48 6.00
N PHE A 122 -24.02 29.47 5.60
CA PHE A 122 -23.08 30.43 6.14
C PHE A 122 -23.31 31.86 5.63
N LYS A 123 -23.81 32.03 4.40
CA LYS A 123 -24.22 33.35 3.92
C LYS A 123 -25.33 33.94 4.81
N SER A 124 -26.31 33.13 5.19
CA SER A 124 -27.41 33.58 6.05
C SER A 124 -26.95 33.86 7.46
N LEU A 125 -26.08 33.01 7.97
CA LEU A 125 -25.63 33.09 9.35
C LEU A 125 -24.62 34.22 9.55
N CYS A 126 -23.67 34.34 8.62
CA CYS A 126 -22.54 35.25 8.77
C CYS A 126 -22.67 36.56 8.02
N GLY A 127 -23.49 36.59 6.97
CA GLY A 127 -23.64 37.81 6.18
C GLY A 127 -22.57 38.02 5.11
N GLN A 128 -21.35 38.32 5.55
CA GLN A 128 -20.22 38.48 4.65
C GLN A 128 -19.18 37.37 4.89
N PRO A 129 -18.45 36.96 3.85
CA PRO A 129 -17.50 35.84 4.00
C PRO A 129 -16.40 36.13 5.02
N GLU A 130 -16.00 37.39 5.16
CA GLU A 130 -14.94 37.75 6.12
C GLU A 130 -15.34 37.39 7.56
N THR A 131 -16.63 37.42 7.84
CA THR A 131 -17.16 37.03 9.14
C THR A 131 -17.05 35.52 9.37
N PHE A 132 -17.35 34.73 8.34
CA PHE A 132 -17.21 33.28 8.42
C PHE A 132 -15.75 32.89 8.59
N PHE A 133 -14.88 33.44 7.76
CA PHE A 133 -13.49 33.03 7.74
C PHE A 133 -12.61 33.64 8.84
N LYS A 134 -13.15 34.56 9.64
CA LYS A 134 -12.38 35.09 10.76
C LYS A 134 -11.73 33.98 11.59
N HIS A 135 -12.53 32.96 11.94
CA HIS A 135 -12.07 31.86 12.78
C HIS A 135 -12.25 30.47 12.14
N CYS A 136 -12.87 30.42 10.96
CA CYS A 136 -13.19 29.14 10.33
C CYS A 136 -12.56 28.98 8.95
N PHE A 137 -12.48 27.71 8.52
CA PHE A 137 -12.00 27.37 7.18
C PHE A 137 -12.69 26.09 6.72
N VAL A 138 -12.61 25.80 5.42
CA VAL A 138 -13.25 24.64 4.83
C VAL A 138 -12.27 23.92 3.91
N HIS A 139 -12.30 22.59 3.99
CA HIS A 139 -11.34 21.73 3.33
C HIS A 139 -11.97 20.36 3.11
N ASN A 140 -11.45 19.57 2.18
CA ASN A 140 -11.87 18.20 1.98
C ASN A 140 -10.73 17.25 2.37
N HIS A 141 -11.10 16.07 2.87
CA HIS A 141 -10.15 15.02 3.16
C HIS A 141 -9.38 14.60 1.90
N CYS A 142 -10.11 14.48 0.79
CA CYS A 142 -9.56 13.93 -0.45
C CYS A 142 -9.95 14.86 -1.59
N PRO A 143 -8.98 15.34 -2.36
CA PRO A 143 -9.28 16.25 -3.48
C PRO A 143 -9.70 15.55 -4.79
N LEU A 144 -9.57 14.23 -4.89
CA LEU A 144 -9.89 13.50 -6.11
C LEU A 144 -11.38 13.21 -6.21
N ILE A 145 -11.87 13.17 -7.44
CA ILE A 145 -13.20 12.69 -7.75
C ILE A 145 -13.07 11.55 -8.76
N PHE A 146 -13.91 10.54 -8.59
CA PHE A 146 -13.80 9.27 -9.28
C PHE A 146 -15.10 8.99 -10.02
N MET A 147 -15.00 8.46 -11.23
CA MET A 147 -16.18 8.01 -11.97
C MET A 147 -16.00 6.59 -12.51
N ASN A 148 -17.10 5.84 -12.61
CA ASN A 148 -17.07 4.56 -13.31
C ASN A 148 -17.27 4.76 -14.83
N HIS A 149 -17.43 3.64 -15.56
CA HIS A 149 -17.50 3.67 -17.01
C HIS A 149 -18.60 4.58 -17.55
N SER A 150 -19.71 4.64 -16.84
CA SER A 150 -20.86 5.40 -17.29
C SER A 150 -20.92 6.83 -16.75
N GLY A 151 -19.89 7.23 -16.00
CA GLY A 151 -19.80 8.59 -15.51
C GLY A 151 -20.42 8.77 -14.13
N LYS A 152 -20.89 7.68 -13.53
CA LYS A 152 -21.45 7.74 -12.18
C LYS A 152 -20.33 8.04 -11.16
N ASN A 153 -20.65 8.89 -10.20
CA ASN A 153 -19.73 9.24 -9.12
C ASN A 153 -19.48 8.06 -8.21
N LEU A 154 -18.21 7.79 -7.91
CA LEU A 154 -17.82 6.83 -6.88
C LEU A 154 -17.16 7.62 -5.75
N THR A 155 -17.78 7.62 -4.58
CA THR A 155 -17.15 8.21 -3.40
C THR A 155 -16.02 7.28 -2.93
N PRO A 156 -15.13 7.78 -2.08
CA PRO A 156 -14.07 6.95 -1.51
C PRO A 156 -14.61 5.68 -0.86
N THR A 157 -15.78 5.78 -0.22
CA THR A 157 -16.46 4.62 0.37
C THR A 157 -16.93 3.58 -0.64
N ASP A 158 -17.25 4.03 -1.86
CA ASP A 158 -17.62 3.16 -2.98
C ASP A 158 -16.44 2.42 -3.63
N LEU A 159 -15.21 2.88 -3.41
CA LEU A 159 -14.06 2.22 -4.01
C LEU A 159 -13.84 0.84 -3.37
N PRO A 160 -13.27 -0.13 -4.09
CA PRO A 160 -12.86 -1.39 -3.47
C PRO A 160 -11.88 -1.12 -2.32
N LYS A 161 -11.91 -1.97 -1.30
CA LYS A 161 -11.11 -1.76 -0.08
C LYS A 161 -9.64 -1.48 -0.35
N ALA A 162 -9.03 -2.22 -1.27
CA ALA A 162 -7.59 -2.10 -1.51
C ALA A 162 -7.24 -0.69 -2.00
N GLN A 163 -8.05 -0.18 -2.92
CA GLN A 163 -7.85 1.15 -3.48
C GLN A 163 -8.17 2.25 -2.47
N ARG A 164 -9.27 2.07 -1.76
CA ARG A 164 -9.72 2.97 -0.70
C ARG A 164 -8.69 3.14 0.42
N ASP A 165 -8.08 2.04 0.87
CA ASP A 165 -7.16 2.09 2.01
C ASP A 165 -5.88 2.81 1.62
N THR A 166 -5.39 2.54 0.42
CA THR A 166 -4.20 3.20 -0.10
C THR A 166 -4.41 4.72 -0.13
N LEU A 167 -5.51 5.13 -0.74
CA LEU A 167 -5.83 6.55 -0.91
C LEU A 167 -5.97 7.25 0.42
N LEU A 168 -6.77 6.68 1.31
CA LEU A 168 -7.19 7.36 2.52
C LEU A 168 -6.09 7.40 3.58
N GLU A 169 -5.12 6.49 3.52
CA GLU A 169 -3.98 6.60 4.44
C GLU A 169 -3.13 7.81 4.07
N ILE A 170 -2.94 8.03 2.77
CA ILE A 170 -2.25 9.21 2.26
C ILE A 170 -3.00 10.49 2.67
N CYS A 171 -4.32 10.50 2.52
CA CYS A 171 -5.10 11.69 2.85
C CYS A 171 -5.11 11.97 4.35
N ASP A 172 -5.08 10.91 5.16
CA ASP A 172 -5.06 11.01 6.62
C ASP A 172 -3.83 11.78 7.09
N GLU A 173 -2.69 11.53 6.45
CA GLU A 173 -1.43 12.13 6.86
C GLU A 173 -1.39 13.61 6.46
N ALA A 174 -1.92 13.91 5.27
CA ALA A 174 -2.09 15.29 4.83
C ALA A 174 -3.05 16.04 5.75
N LEU A 175 -4.11 15.38 6.20
CA LEU A 175 -5.05 16.01 7.11
C LEU A 175 -4.36 16.39 8.43
N CYS A 176 -3.55 15.49 8.99
CA CYS A 176 -2.80 15.80 10.22
C CYS A 176 -1.93 17.05 10.02
N GLN A 177 -1.26 17.13 8.86
CA GLN A 177 -0.39 18.27 8.55
C GLN A 177 -1.17 19.57 8.43
N ALA A 178 -2.32 19.49 7.76
CA ALA A 178 -3.20 20.65 7.59
C ALA A 178 -3.72 21.17 8.93
N VAL A 179 -4.14 20.26 9.81
CA VAL A 179 -4.65 20.64 11.14
C VAL A 179 -3.55 21.32 11.95
N ARG A 180 -2.33 20.81 11.87
CA ARG A 180 -1.17 21.42 12.52
C ARG A 180 -0.86 22.82 12.01
N VAL A 181 -0.76 22.99 10.68
CA VAL A 181 -0.41 24.31 10.15
C VAL A 181 -1.49 25.37 10.40
N LEU A 182 -2.76 24.96 10.42
CA LEU A 182 -3.85 25.92 10.65
C LEU A 182 -4.09 26.23 12.14
N GLY A 183 -3.54 25.41 13.03
CA GLY A 183 -3.72 25.60 14.47
C GLY A 183 -5.13 25.31 14.96
N VAL A 184 -5.86 24.47 14.23
CA VAL A 184 -7.26 24.22 14.50
C VAL A 184 -7.47 23.47 15.84
N LYS A 185 -8.45 23.91 16.61
CA LYS A 185 -8.84 23.21 17.86
C LYS A 185 -10.11 22.36 17.73
N LEU A 186 -10.89 22.62 16.67
CA LEU A 186 -12.10 21.86 16.42
C LEU A 186 -12.24 21.53 14.93
N VAL A 187 -12.32 20.24 14.61
CA VAL A 187 -12.64 19.77 13.27
C VAL A 187 -14.11 19.34 13.27
N ILE A 188 -14.90 19.92 12.39
CA ILE A 188 -16.26 19.48 12.21
C ILE A 188 -16.34 18.70 10.90
N GLY A 189 -16.55 17.39 11.03
CA GLY A 189 -16.75 16.56 9.86
C GLY A 189 -18.13 16.82 9.28
N VAL A 190 -18.19 17.13 7.99
CA VAL A 190 -19.46 17.27 7.29
C VAL A 190 -19.81 15.89 6.76
N GLY A 191 -20.76 15.26 7.45
CA GLY A 191 -21.07 13.86 7.25
C GLY A 191 -20.29 12.95 8.20
N ARG A 192 -20.87 11.78 8.45
CA ARG A 192 -20.33 10.78 9.35
C ARG A 192 -19.04 10.19 8.84
N PHE A 193 -18.93 9.99 7.53
CA PHE A 193 -17.69 9.48 6.98
C PHE A 193 -16.48 10.37 7.35
N SER A 194 -16.55 11.68 7.09
CA SER A 194 -15.42 12.56 7.38
C SER A 194 -15.20 12.68 8.88
N GLU A 195 -16.27 12.73 9.65
CA GLU A 195 -16.16 12.84 11.09
C GLU A 195 -15.36 11.65 11.64
N GLN A 196 -15.79 10.44 11.30
CA GLN A 196 -15.15 9.23 11.85
C GLN A 196 -13.73 9.06 11.36
N ARG A 197 -13.51 9.40 10.08
CA ARG A 197 -12.20 9.31 9.48
C ARG A 197 -11.25 10.30 10.13
N ALA A 198 -11.68 11.54 10.28
CA ALA A 198 -10.85 12.56 10.94
C ALA A 198 -10.54 12.19 12.39
N ARG A 199 -11.51 11.67 13.12
CA ARG A 199 -11.28 11.33 14.53
C ARG A 199 -10.18 10.28 14.66
N LYS A 200 -10.29 9.21 13.90
CA LYS A 200 -9.27 8.14 13.91
C LYS A 200 -7.88 8.64 13.48
N ALA A 201 -7.81 9.41 12.39
CA ALA A 201 -6.53 9.93 11.90
C ALA A 201 -5.84 10.85 12.91
N LEU A 202 -6.60 11.77 13.48
CA LEU A 202 -6.03 12.79 14.35
C LEU A 202 -5.70 12.23 15.76
N MET A 203 -6.52 11.32 16.25
CA MET A 203 -6.26 10.68 17.55
C MET A 203 -5.06 9.72 17.44
C MET A 203 -5.06 9.72 17.44
N ALA A 204 -4.86 9.11 16.29
CA ALA A 204 -3.71 8.22 16.06
C ALA A 204 -2.37 8.98 16.18
N GLU A 205 -2.33 10.23 15.72
CA GLU A 205 -1.13 11.05 15.85
C GLU A 205 -1.11 11.90 17.14
N GLY A 206 -2.17 11.82 17.92
CA GLY A 206 -2.23 12.52 19.19
C GLY A 206 -2.29 14.03 19.05
N ILE A 207 -2.98 14.51 18.01
CA ILE A 207 -3.09 15.94 17.80
C ILE A 207 -4.03 16.51 18.82
N ASP A 208 -3.67 17.66 19.37
CA ASP A 208 -4.50 18.34 20.34
C ASP A 208 -5.69 19.05 19.67
N VAL A 209 -6.75 18.30 19.42
CA VAL A 209 -7.90 18.78 18.63
C VAL A 209 -9.11 17.93 18.96
N THR A 210 -10.28 18.55 18.95
CA THR A 210 -11.54 17.88 19.16
C THR A 210 -12.19 17.68 17.80
N VAL A 211 -12.87 16.55 17.60
CA VAL A 211 -13.58 16.25 16.36
C VAL A 211 -15.04 15.99 16.64
N LYS A 212 -15.91 16.72 15.93
CA LYS A 212 -17.33 16.60 16.03
C LYS A 212 -17.87 16.52 14.60
N GLY A 213 -19.19 16.57 14.42
CA GLY A 213 -19.78 16.35 13.12
C GLY A 213 -21.05 17.13 12.95
N ILE A 214 -21.41 17.39 11.68
CA ILE A 214 -22.74 17.88 11.33
C ILE A 214 -23.30 16.99 10.22
N MET A 215 -24.60 17.12 9.97
CA MET A 215 -25.26 16.33 8.94
C MET A 215 -24.76 16.73 7.54
N HIS A 216 -24.54 15.76 6.68
CA HIS A 216 -24.12 16.06 5.32
C HIS A 216 -25.33 16.58 4.52
N PRO A 217 -25.14 17.62 3.71
CA PRO A 217 -26.25 18.20 2.94
C PRO A 217 -26.64 17.50 1.64
N SER A 218 -26.01 16.38 1.30
CA SER A 218 -26.24 15.74 0.02
C SER A 218 -27.71 15.38 -0.19
N PRO A 219 -28.23 15.59 -1.39
CA PRO A 219 -29.57 15.11 -1.72
C PRO A 219 -29.70 13.58 -1.67
N ARG A 220 -28.58 12.86 -1.64
CA ARG A 220 -28.62 11.40 -1.47
C ARG A 220 -28.84 10.99 -0.01
N ASN A 221 -28.72 11.95 0.91
CA ASN A 221 -29.05 11.78 2.32
C ASN A 221 -30.53 12.10 2.54
N PRO A 222 -31.38 11.08 2.71
CA PRO A 222 -32.82 11.30 2.89
C PRO A 222 -33.15 12.21 4.07
N GLN A 223 -32.35 12.15 5.12
CA GLN A 223 -32.52 13.05 6.27
C GLN A 223 -32.33 14.54 5.92
N ALA A 224 -31.56 14.83 4.87
CA ALA A 224 -31.32 16.22 4.43
C ALA A 224 -32.40 16.81 3.51
N ASN A 225 -33.34 15.97 3.07
CA ASN A 225 -34.40 16.39 2.14
C ASN A 225 -35.36 17.42 2.75
N LYS A 226 -35.58 17.35 4.05
CA LYS A 226 -36.41 18.34 4.73
C LYS A 226 -35.66 18.99 5.86
N GLY A 227 -35.47 20.29 5.74
CA GLY A 227 -35.03 21.12 6.83
C GLY A 227 -33.56 20.95 7.17
N TRP A 228 -32.72 20.66 6.17
CA TRP A 228 -31.28 20.48 6.45
C TRP A 228 -30.73 21.70 7.18
N GLU A 229 -31.02 22.90 6.68
CA GLU A 229 -30.45 24.10 7.27
C GLU A 229 -30.87 24.22 8.74
N GLY A 230 -32.15 23.95 9.02
CA GLY A 230 -32.67 24.04 10.39
C GLY A 230 -32.01 23.02 11.30
N ILE A 231 -31.84 21.80 10.81
CA ILE A 231 -31.16 20.77 11.60
C ILE A 231 -29.74 21.19 11.93
N VAL A 232 -28.98 21.62 10.91
CA VAL A 232 -27.58 21.93 11.11
C VAL A 232 -27.37 23.19 11.95
N ARG A 233 -28.26 24.16 11.84
CA ARG A 233 -28.21 25.34 12.73
C ARG A 233 -28.28 24.92 14.18
N GLY A 234 -29.18 23.98 14.46
CA GLY A 234 -29.33 23.37 15.78
C GLY A 234 -28.09 22.66 16.25
N GLN A 235 -27.45 21.92 15.35
CA GLN A 235 -26.23 21.20 15.67
C GLN A 235 -25.09 22.18 15.92
N LEU A 236 -25.01 23.26 15.14
CA LEU A 236 -23.94 24.23 15.31
C LEU A 236 -24.09 24.93 16.67
N LEU A 237 -25.34 25.21 17.04
CA LEU A 237 -25.67 25.82 18.31
C LEU A 237 -25.13 24.94 19.44
N GLU A 238 -25.39 23.64 19.35
CA GLU A 238 -24.97 22.67 20.37
C GLU A 238 -23.45 22.49 20.44
N LEU A 239 -22.76 22.69 19.32
CA LEU A 239 -21.31 22.56 19.26
C LEU A 239 -20.62 23.81 19.80
N GLY A 240 -21.38 24.89 20.00
CA GLY A 240 -20.87 26.10 20.62
C GLY A 240 -20.18 27.07 19.70
N VAL A 241 -20.39 26.93 18.40
CA VAL A 241 -19.67 27.72 17.40
C VAL A 241 -20.45 28.92 16.82
N LEU A 242 -21.73 29.05 17.16
CA LEU A 242 -22.52 30.16 16.61
C LEU A 242 -21.96 31.51 17.02
N SER A 243 -21.35 31.60 18.20
CA SER A 243 -20.70 32.82 18.66
C SER A 243 -19.49 33.23 17.81
N LEU A 244 -18.66 32.25 17.44
CA LEU A 244 -17.52 32.48 16.56
C LEU A 244 -17.92 32.86 15.15
N LEU A 245 -19.06 32.34 14.69
CA LEU A 245 -19.49 32.50 13.30
C LEU A 245 -20.21 33.81 13.06
N THR A 246 -20.57 34.51 14.14
CA THR A 246 -21.26 35.79 14.01
C THR A 246 -20.37 36.95 14.48
N GLU B 2 35.07 -23.75 -10.16
CA GLU B 2 35.53 -22.42 -9.77
C GLU B 2 34.44 -21.65 -9.03
N SER B 3 33.80 -20.58 -9.31
CA SER B 3 32.77 -19.89 -8.52
C SER B 3 31.44 -19.99 -9.24
N PRO B 4 30.46 -20.68 -8.67
CA PRO B 4 29.14 -20.78 -9.30
C PRO B 4 28.29 -19.51 -9.24
N ALA B 5 28.70 -18.51 -8.46
CA ALA B 5 27.87 -17.32 -8.20
C ALA B 5 27.28 -16.67 -9.45
N ASP B 6 28.12 -16.37 -10.42
CA ASP B 6 27.69 -15.70 -11.64
C ASP B 6 26.68 -16.53 -12.44
N SER B 7 26.92 -17.83 -12.54
CA SER B 7 26.03 -18.73 -13.28
C SER B 7 24.71 -18.92 -12.53
N PHE B 8 24.77 -18.98 -11.21
CA PHE B 8 23.55 -19.10 -10.40
C PHE B 8 22.65 -17.91 -10.64
N LEU B 9 23.22 -16.72 -10.62
CA LEU B 9 22.48 -15.49 -10.90
C LEU B 9 21.91 -15.49 -12.31
N LYS B 10 22.63 -16.10 -13.26
CA LYS B 10 22.13 -16.18 -14.63
C LYS B 10 20.93 -17.13 -14.72
N VAL B 11 20.99 -18.24 -14.00
CA VAL B 11 19.81 -19.13 -13.93
C VAL B 11 18.61 -18.31 -13.48
N GLU B 12 18.81 -17.50 -12.44
CA GLU B 12 17.72 -16.78 -11.83
C GLU B 12 17.17 -15.70 -12.72
N LEU B 13 18.04 -14.99 -13.43
CA LEU B 13 17.58 -13.93 -14.35
C LEU B 13 16.79 -14.48 -15.54
N GLU B 14 17.18 -15.65 -16.03
CA GLU B 14 16.45 -16.26 -17.14
C GLU B 14 15.12 -16.82 -16.64
N LEU B 15 15.10 -17.37 -15.43
CA LEU B 15 13.84 -17.76 -14.79
C LEU B 15 12.92 -16.56 -14.69
N ASN B 16 13.43 -15.41 -14.26
CA ASN B 16 12.62 -14.19 -14.16
C ASN B 16 12.01 -13.82 -15.51
N LEU B 17 12.77 -14.04 -16.58
CA LEU B 17 12.30 -13.71 -17.93
C LEU B 17 11.04 -14.51 -18.32
N LYS B 18 11.08 -15.82 -18.07
CA LYS B 18 9.96 -16.70 -18.35
C LYS B 18 8.73 -16.42 -17.48
N LEU B 19 8.95 -16.11 -16.20
CA LEU B 19 7.85 -15.81 -15.29
C LEU B 19 7.18 -14.47 -15.62
N SER B 20 7.94 -13.54 -16.21
CA SER B 20 7.41 -12.21 -16.52
C SER B 20 6.34 -12.22 -17.62
N ASN B 21 6.28 -13.30 -18.41
CA ASN B 21 5.29 -13.43 -19.46
C ASN B 21 4.07 -14.29 -19.08
N LEU B 22 4.04 -14.82 -17.86
CA LEU B 22 2.85 -15.54 -17.36
C LEU B 22 1.78 -14.53 -16.95
N VAL B 23 0.51 -14.90 -17.14
CA VAL B 23 -0.61 -14.05 -16.75
C VAL B 23 -1.48 -14.83 -15.77
N PHE B 24 -1.60 -14.31 -14.54
CA PHE B 24 -2.35 -14.99 -13.48
C PHE B 24 -3.75 -14.40 -13.37
N GLN B 25 -4.72 -15.24 -13.01
CA GLN B 25 -6.10 -14.83 -12.90
C GLN B 25 -6.73 -15.30 -11.60
N ASP B 26 -7.99 -14.91 -11.42
CA ASP B 26 -9.02 -15.74 -10.78
C ASP B 26 -9.18 -15.47 -9.29
N PRO B 27 -8.46 -16.15 -8.39
CA PRO B 27 -8.24 -15.60 -7.05
C PRO B 27 -6.96 -14.76 -6.96
N VAL B 28 -5.93 -15.06 -7.77
CA VAL B 28 -4.71 -14.25 -7.77
C VAL B 28 -5.00 -12.82 -8.24
N GLN B 29 -4.68 -11.83 -7.40
CA GLN B 29 -4.86 -10.42 -7.72
C GLN B 29 -3.59 -9.58 -7.54
N TYR B 30 -2.57 -10.14 -6.88
CA TYR B 30 -1.26 -9.49 -6.76
C TYR B 30 -0.18 -10.53 -6.88
N VAL B 31 0.89 -10.15 -7.57
CA VAL B 31 2.06 -11.00 -7.72
C VAL B 31 3.30 -10.15 -7.51
N TYR B 32 4.14 -10.54 -6.56
CA TYR B 32 5.41 -9.89 -6.34
C TYR B 32 6.54 -10.83 -6.69
N ASN B 33 7.61 -10.27 -7.21
CA ASN B 33 8.85 -10.97 -7.48
C ASN B 33 9.96 -10.16 -6.87
N PRO B 34 10.39 -10.52 -5.65
CA PRO B 34 11.52 -9.84 -5.00
C PRO B 34 12.85 -9.99 -5.73
N LEU B 35 12.97 -10.93 -6.65
CA LEU B 35 14.18 -10.99 -7.49
C LEU B 35 14.24 -9.91 -8.57
N VAL B 36 13.15 -9.17 -8.73
CA VAL B 36 13.17 -7.90 -9.44
C VAL B 36 13.47 -6.72 -8.50
N TYR B 37 12.54 -6.40 -7.62
CA TYR B 37 12.64 -5.17 -6.80
C TYR B 37 13.62 -5.27 -5.62
N ALA B 38 13.99 -6.49 -5.24
CA ALA B 38 15.00 -6.70 -4.21
C ALA B 38 16.20 -7.43 -4.77
N TRP B 39 16.48 -7.23 -6.06
CA TRP B 39 17.63 -7.84 -6.71
C TRP B 39 18.96 -7.50 -6.02
N ALA B 40 19.15 -6.25 -5.61
CA ALA B 40 20.43 -5.82 -5.04
C ALA B 40 20.89 -6.61 -3.82
N PRO B 41 20.07 -6.71 -2.76
CA PRO B 41 20.47 -7.58 -1.65
C PRO B 41 20.57 -9.04 -2.05
N HIS B 42 19.70 -9.51 -2.95
CA HIS B 42 19.78 -10.90 -3.41
C HIS B 42 21.13 -11.17 -4.08
N GLU B 43 21.56 -10.27 -4.97
CA GLU B 43 22.83 -10.46 -5.68
C GLU B 43 23.97 -10.45 -4.68
N ASN B 44 23.89 -9.57 -3.69
CA ASN B 44 24.88 -9.52 -2.62
C ASN B 44 24.95 -10.81 -1.81
N TYR B 45 23.79 -11.41 -1.52
CA TYR B 45 23.73 -12.70 -0.84
C TYR B 45 24.44 -13.80 -1.66
N VAL B 46 24.13 -13.86 -2.96
CA VAL B 46 24.75 -14.88 -3.82
C VAL B 46 26.26 -14.66 -3.99
N GLN B 47 26.70 -13.42 -4.22
CA GLN B 47 28.12 -13.13 -4.46
C GLN B 47 28.95 -13.37 -3.21
N THR B 48 28.37 -13.10 -2.05
CA THR B 48 29.05 -13.30 -0.79
C THR B 48 29.13 -14.78 -0.43
N TYR B 49 28.07 -15.54 -0.68
CA TYR B 49 27.95 -16.87 -0.08
C TYR B 49 27.94 -18.06 -1.05
N CYS B 50 28.04 -17.77 -2.35
CA CYS B 50 28.04 -18.81 -3.36
C CYS B 50 29.34 -18.74 -4.21
N LYS B 51 30.47 -18.60 -3.53
CA LYS B 51 31.79 -18.46 -4.17
C LYS B 51 32.43 -19.79 -4.57
N SER B 52 31.86 -20.90 -4.11
CA SER B 52 32.43 -22.23 -4.39
C SER B 52 31.34 -23.30 -4.46
N LYS B 53 31.69 -24.45 -5.03
CA LYS B 53 30.73 -25.54 -5.22
C LYS B 53 30.24 -26.02 -3.85
N LYS B 54 29.00 -26.50 -3.82
CA LYS B 54 28.30 -26.84 -2.58
C LYS B 54 28.00 -28.33 -2.51
N GLU B 55 27.96 -28.87 -1.29
CA GLU B 55 27.51 -30.24 -1.08
C GLU B 55 26.00 -30.35 -0.88
N VAL B 56 25.38 -29.38 -0.20
CA VAL B 56 23.97 -29.49 0.20
C VAL B 56 23.18 -28.23 -0.14
N LEU B 57 22.01 -28.40 -0.75
CA LEU B 57 21.06 -27.32 -1.02
C LEU B 57 19.80 -27.47 -0.18
N PHE B 58 19.50 -26.47 0.64
CA PHE B 58 18.18 -26.36 1.29
C PHE B 58 17.22 -25.64 0.36
N LEU B 59 16.06 -26.22 0.14
CA LEU B 59 15.08 -25.67 -0.79
C LEU B 59 13.72 -25.46 -0.11
N GLY B 60 13.27 -24.21 -0.08
CA GLY B 60 11.92 -23.85 0.35
C GLY B 60 11.02 -23.69 -0.84
N MET B 61 9.73 -23.44 -0.60
CA MET B 61 8.73 -23.34 -1.66
C MET B 61 8.72 -22.00 -2.42
N ASN B 62 8.43 -20.92 -1.70
CA ASN B 62 8.40 -19.57 -2.27
C ASN B 62 8.52 -18.53 -1.13
N PRO B 63 8.74 -17.24 -1.43
CA PRO B 63 8.93 -16.25 -0.37
C PRO B 63 7.74 -16.10 0.55
N GLY B 64 8.01 -15.83 1.83
CA GLY B 64 7.00 -15.36 2.75
C GLY B 64 6.91 -13.84 2.74
N PRO B 65 5.78 -13.28 3.16
CA PRO B 65 5.49 -11.85 3.04
C PRO B 65 6.41 -10.88 3.79
N PHE B 66 6.98 -11.30 4.91
CA PHE B 66 7.86 -10.44 5.70
C PHE B 66 9.32 -10.86 5.64
N GLY B 67 9.61 -11.92 4.90
CA GLY B 67 10.96 -12.42 4.78
C GLY B 67 11.57 -12.05 3.45
N MET B 68 11.72 -13.03 2.57
CA MET B 68 12.31 -12.80 1.27
C MET B 68 11.57 -11.76 0.45
N ALA B 69 10.28 -11.61 0.66
CA ALA B 69 9.52 -10.57 -0.04
C ALA B 69 10.03 -9.17 0.28
N GLN B 70 10.64 -9.00 1.45
CA GLN B 70 11.22 -7.74 1.87
C GLN B 70 12.72 -7.63 1.60
N THR B 71 13.46 -8.73 1.76
CA THR B 71 14.94 -8.67 1.79
C THR B 71 15.63 -9.26 0.55
N GLY B 72 14.89 -9.97 -0.29
CA GLY B 72 15.46 -10.72 -1.40
C GLY B 72 16.26 -11.97 -1.08
N VAL B 73 16.29 -12.37 0.19
CA VAL B 73 17.12 -13.49 0.65
C VAL B 73 16.21 -14.63 1.09
N PRO B 74 16.50 -15.88 0.72
CA PRO B 74 15.62 -16.99 1.11
C PRO B 74 15.49 -17.10 2.64
N PHE B 75 14.26 -17.32 3.11
CA PHE B 75 13.91 -17.36 4.53
C PHE B 75 14.35 -16.08 5.20
N GLY B 76 14.28 -14.98 4.45
CA GLY B 76 15.05 -13.79 4.74
C GLY B 76 14.46 -12.84 5.74
N GLU B 77 14.20 -13.35 6.94
CA GLU B 77 13.73 -12.52 8.05
C GLU B 77 14.70 -11.37 8.32
N VAL B 78 14.19 -10.17 8.47
CA VAL B 78 15.01 -8.95 8.47
C VAL B 78 16.15 -8.96 9.50
N ASN B 79 15.86 -9.26 10.76
CA ASN B 79 16.91 -9.21 11.79
C ASN B 79 18.11 -10.11 11.49
N HIS B 80 17.82 -11.34 11.10
CA HIS B 80 18.87 -12.33 10.86
C HIS B 80 19.64 -12.00 9.59
N VAL B 81 18.98 -11.47 8.59
CA VAL B 81 19.66 -11.08 7.34
C VAL B 81 20.63 -9.91 7.61
N ARG B 82 20.16 -8.91 8.35
CA ARG B 82 20.95 -7.71 8.65
C ARG B 82 22.08 -8.03 9.60
N ASP B 83 21.75 -8.69 10.70
CA ASP B 83 22.71 -8.86 11.79
C ASP B 83 23.61 -10.10 11.72
N TRP B 84 23.12 -11.20 11.14
CA TRP B 84 23.93 -12.41 11.06
C TRP B 84 24.56 -12.64 9.68
N LEU B 85 23.76 -12.62 8.62
CA LEU B 85 24.25 -12.77 7.26
C LEU B 85 24.95 -11.50 6.79
N GLN B 86 24.63 -10.38 7.43
CA GLN B 86 25.18 -9.07 7.10
C GLN B 86 25.04 -8.76 5.63
N ILE B 87 23.83 -8.94 5.11
CA ILE B 87 23.53 -8.60 3.74
C ILE B 87 22.65 -7.37 3.73
N GLU B 88 23.08 -6.38 2.96
CA GLU B 88 22.28 -5.18 2.69
C GLU B 88 22.18 -4.88 1.21
N GLY B 89 21.34 -3.92 0.89
CA GLY B 89 21.12 -3.50 -0.46
C GLY B 89 19.85 -2.69 -0.55
N PRO B 90 19.77 -1.80 -1.52
CA PRO B 90 18.53 -1.05 -1.77
C PRO B 90 17.38 -1.96 -2.21
N VAL B 91 16.18 -1.66 -1.71
CA VAL B 91 14.97 -2.38 -2.09
C VAL B 91 13.92 -1.36 -2.55
N SER B 92 13.38 -1.56 -3.74
CA SER B 92 12.32 -0.67 -4.23
C SER B 92 11.00 -1.39 -3.96
N LYS B 93 9.98 -1.18 -4.78
CA LYS B 93 8.68 -1.80 -4.55
C LYS B 93 8.13 -2.50 -5.79
N PRO B 94 7.19 -3.43 -5.59
CA PRO B 94 6.41 -3.97 -6.71
C PRO B 94 5.60 -2.87 -7.39
N GLU B 95 5.23 -3.12 -8.65
CA GLU B 95 4.42 -2.20 -9.45
C GLU B 95 3.05 -1.98 -8.82
N VAL B 96 2.43 -3.06 -8.34
CA VAL B 96 1.11 -3.00 -7.72
C VAL B 96 1.15 -3.71 -6.36
N GLU B 97 1.04 -2.92 -5.29
CA GLU B 97 1.07 -3.41 -3.90
C GLU B 97 -0.32 -3.42 -3.32
N HIS B 98 -0.66 -4.49 -2.61
CA HIS B 98 -1.84 -4.49 -1.74
C HIS B 98 -1.45 -3.67 -0.50
N PRO B 99 -2.34 -2.82 0.01
CA PRO B 99 -1.99 -1.96 1.15
C PRO B 99 -1.69 -2.68 2.47
N LYS B 100 -2.14 -3.92 2.63
CA LYS B 100 -1.80 -4.71 3.81
C LYS B 100 -0.52 -5.53 3.61
N ARG B 101 0.07 -5.45 2.42
CA ARG B 101 1.32 -6.14 2.13
C ARG B 101 2.32 -5.24 1.39
N ARG B 102 2.64 -4.12 2.00
CA ARG B 102 3.61 -3.19 1.42
C ARG B 102 5.01 -3.69 1.65
N ILE B 103 5.89 -3.44 0.69
CA ILE B 103 7.29 -3.78 0.80
C ILE B 103 8.01 -2.57 1.37
N ARG B 104 8.60 -2.75 2.55
CA ARG B 104 9.42 -1.72 3.20
C ARG B 104 10.89 -2.15 3.29
N GLY B 105 11.20 -3.29 2.71
CA GLY B 105 12.56 -3.81 2.75
C GLY B 105 13.08 -3.99 4.18
N PHE B 106 14.29 -3.50 4.41
CA PHE B 106 14.96 -3.69 5.70
C PHE B 106 14.38 -2.80 6.80
N GLU B 107 13.36 -2.00 6.46
CA GLU B 107 12.57 -1.28 7.43
C GLU B 107 11.24 -1.97 7.74
N CYS B 108 11.07 -3.19 7.25
CA CYS B 108 9.87 -3.94 7.59
C CYS B 108 10.01 -4.26 9.08
N PRO B 109 9.03 -3.87 9.91
CA PRO B 109 9.13 -4.11 11.35
C PRO B 109 8.65 -5.50 11.79
N GLN B 110 8.05 -6.25 10.87
CA GLN B 110 7.50 -7.58 11.15
C GLN B 110 8.56 -8.66 11.00
N SER B 111 8.49 -9.68 11.85
CA SER B 111 9.35 -10.85 11.72
C SER B 111 8.60 -11.90 10.93
N GLU B 112 9.30 -12.50 10.00
CA GLU B 112 8.81 -13.70 9.35
C GLU B 112 9.25 -14.82 10.28
N VAL B 113 8.30 -15.46 10.93
CA VAL B 113 8.60 -16.47 11.95
C VAL B 113 9.36 -17.66 11.35
N SER B 114 8.92 -18.13 10.20
CA SER B 114 9.57 -19.24 9.51
C SER B 114 11.04 -18.93 9.29
N GLY B 115 11.31 -17.73 8.80
CA GLY B 115 12.67 -17.31 8.49
C GLY B 115 13.51 -17.08 9.72
N ALA B 116 12.91 -16.50 10.76
CA ALA B 116 13.62 -16.34 12.03
C ALA B 116 14.01 -17.70 12.59
N ARG B 117 13.09 -18.67 12.55
CA ARG B 117 13.40 -20.02 13.05
C ARG B 117 14.57 -20.69 12.27
N PHE B 118 14.47 -20.62 10.95
CA PHE B 118 15.43 -21.24 10.03
C PHE B 118 16.86 -20.74 10.27
N TRP B 119 17.05 -19.43 10.20
CA TRP B 119 18.38 -18.87 10.38
C TRP B 119 18.87 -18.92 11.83
N SER B 120 17.96 -18.91 12.80
CA SER B 120 18.37 -19.05 14.20
C SER B 120 19.00 -20.42 14.44
N LEU B 121 18.47 -21.43 13.77
CA LEU B 121 18.98 -22.77 13.91
C LEU B 121 20.43 -22.79 13.47
N PHE B 122 20.69 -22.25 12.28
CA PHE B 122 22.02 -22.32 11.71
C PHE B 122 23.03 -21.37 12.38
N LYS B 123 22.55 -20.25 12.89
CA LYS B 123 23.37 -19.36 13.72
C LYS B 123 23.85 -20.10 14.98
N SER B 124 22.98 -20.89 15.58
CA SER B 124 23.32 -21.63 16.78
C SER B 124 24.25 -22.82 16.50
N LEU B 125 23.98 -23.52 15.41
CA LEU B 125 24.71 -24.72 15.04
C LEU B 125 26.10 -24.39 14.44
N CYS B 126 26.15 -23.39 13.57
CA CYS B 126 27.32 -23.05 12.79
C CYS B 126 28.14 -21.88 13.34
N GLY B 127 27.54 -21.08 14.21
CA GLY B 127 28.18 -19.90 14.78
C GLY B 127 28.27 -18.72 13.82
N GLN B 128 29.11 -18.86 12.79
CA GLN B 128 29.34 -17.82 11.78
C GLN B 128 28.80 -18.30 10.46
N PRO B 129 28.34 -17.35 9.63
CA PRO B 129 27.71 -17.69 8.35
C PRO B 129 28.64 -18.39 7.36
N GLU B 130 29.92 -18.07 7.40
CA GLU B 130 30.91 -18.69 6.51
C GLU B 130 30.96 -20.19 6.76
N THR B 131 30.75 -20.59 8.01
CA THR B 131 30.71 -22.00 8.37
C THR B 131 29.52 -22.76 7.77
N PHE B 132 28.34 -22.12 7.74
CA PHE B 132 27.18 -22.72 7.10
C PHE B 132 27.32 -22.80 5.58
N PHE B 133 27.84 -21.74 4.98
CA PHE B 133 27.90 -21.65 3.53
C PHE B 133 29.14 -22.32 2.89
N LYS B 134 30.06 -22.83 3.72
CA LYS B 134 31.22 -23.54 3.18
C LYS B 134 30.77 -24.70 2.28
N HIS B 135 29.74 -25.43 2.71
CA HIS B 135 29.22 -26.57 1.96
C HIS B 135 27.74 -26.50 1.65
N CYS B 136 27.06 -25.46 2.14
CA CYS B 136 25.62 -25.35 1.95
C CYS B 136 25.17 -24.06 1.29
N PHE B 137 23.95 -24.13 0.76
CA PHE B 137 23.30 -22.97 0.19
C PHE B 137 21.80 -23.09 0.41
N VAL B 138 21.08 -22.02 0.15
CA VAL B 138 19.63 -21.96 0.33
C VAL B 138 18.98 -21.22 -0.81
N HIS B 139 17.85 -21.75 -1.25
CA HIS B 139 17.16 -21.32 -2.46
C HIS B 139 15.68 -21.67 -2.33
N ASN B 140 14.82 -20.99 -3.09
CA ASN B 140 13.41 -21.34 -3.21
C ASN B 140 13.08 -21.89 -4.60
N HIS B 141 12.15 -22.83 -4.64
CA HIS B 141 11.64 -23.38 -5.90
C HIS B 141 11.08 -22.27 -6.80
N CYS B 142 10.30 -21.37 -6.22
CA CYS B 142 9.59 -20.33 -6.97
C CYS B 142 9.86 -18.97 -6.29
N PRO B 143 10.22 -17.94 -7.07
CA PRO B 143 10.51 -16.61 -6.50
C PRO B 143 9.30 -15.72 -6.34
N LEU B 144 8.16 -16.10 -6.91
CA LEU B 144 6.95 -15.30 -6.85
C LEU B 144 6.17 -15.51 -5.55
N ILE B 145 5.55 -14.43 -5.08
CA ILE B 145 4.59 -14.49 -4.00
C ILE B 145 3.25 -13.97 -4.52
N PHE B 146 2.17 -14.66 -4.15
CA PHE B 146 0.83 -14.43 -4.70
C PHE B 146 -0.11 -14.02 -3.58
N MET B 147 -1.02 -13.10 -3.87
CA MET B 147 -2.07 -12.73 -2.93
C MET B 147 -3.41 -12.62 -3.62
N ASN B 148 -4.48 -12.83 -2.86
CA ASN B 148 -5.84 -12.65 -3.34
C ASN B 148 -6.28 -11.20 -3.13
N HIS B 149 -7.57 -10.93 -3.25
CA HIS B 149 -8.13 -9.57 -3.20
C HIS B 149 -7.89 -8.86 -1.88
N SER B 150 -7.91 -9.61 -0.78
CA SER B 150 -7.76 -9.07 0.56
C SER B 150 -6.30 -9.09 1.05
N GLY B 151 -5.37 -9.53 0.20
CA GLY B 151 -3.97 -9.60 0.55
C GLY B 151 -3.54 -10.91 1.20
N LYS B 152 -4.47 -11.86 1.32
CA LYS B 152 -4.16 -13.18 1.85
C LYS B 152 -3.21 -13.91 0.91
N ASN B 153 -2.19 -14.53 1.48
CA ASN B 153 -1.20 -15.30 0.73
C ASN B 153 -1.85 -16.49 0.04
N LEU B 154 -1.41 -16.75 -1.19
CA LEU B 154 -1.80 -17.94 -1.95
C LEU B 154 -0.53 -18.71 -2.27
N THR B 155 -0.47 -19.96 -1.85
CA THR B 155 0.65 -20.81 -2.22
C THR B 155 0.51 -21.19 -3.69
N PRO B 156 1.60 -21.60 -4.33
CA PRO B 156 1.54 -22.14 -5.69
C PRO B 156 0.48 -23.24 -5.87
N THR B 157 0.31 -24.10 -4.88
CA THR B 157 -0.71 -25.16 -4.95
C THR B 157 -2.16 -24.64 -4.92
N ASP B 158 -2.37 -23.45 -4.34
CA ASP B 158 -3.69 -22.80 -4.36
C ASP B 158 -4.10 -22.27 -5.74
N LEU B 159 -3.15 -22.15 -6.67
CA LEU B 159 -3.42 -21.56 -7.99
C LEU B 159 -4.32 -22.45 -8.86
N PRO B 160 -5.10 -21.82 -9.76
CA PRO B 160 -5.84 -22.60 -10.77
C PRO B 160 -4.93 -23.57 -11.51
N LYS B 161 -5.36 -24.82 -11.59
CA LYS B 161 -4.62 -25.93 -12.21
C LYS B 161 -3.85 -25.58 -13.50
N ALA B 162 -4.45 -24.76 -14.35
CA ALA B 162 -3.83 -24.35 -15.60
C ALA B 162 -2.52 -23.59 -15.37
N GLN B 163 -2.62 -22.47 -14.66
CA GLN B 163 -1.45 -21.66 -14.31
C GLN B 163 -0.49 -22.38 -13.36
N ARG B 164 -1.02 -23.24 -12.50
CA ARG B 164 -0.22 -23.95 -11.49
C ARG B 164 0.83 -24.85 -12.16
N ASP B 165 0.36 -25.71 -13.05
CA ASP B 165 1.22 -26.68 -13.71
C ASP B 165 2.30 -26.03 -14.56
N THR B 166 1.95 -24.96 -15.26
CA THR B 166 2.90 -24.27 -16.12
C THR B 166 3.96 -23.56 -15.29
N LEU B 167 3.51 -22.88 -14.24
CA LEU B 167 4.40 -22.23 -13.29
C LEU B 167 5.42 -23.21 -12.76
N LEU B 168 4.94 -24.32 -12.23
CA LEU B 168 5.82 -25.23 -11.51
C LEU B 168 6.78 -25.98 -12.43
N GLU B 169 6.35 -26.25 -13.66
CA GLU B 169 7.20 -26.88 -14.69
C GLU B 169 8.37 -25.96 -15.05
N ILE B 170 8.08 -24.69 -15.25
CA ILE B 170 9.11 -23.67 -15.50
C ILE B 170 10.09 -23.59 -14.33
N CYS B 171 9.56 -23.67 -13.11
CA CYS B 171 10.39 -23.64 -11.90
C CYS B 171 11.19 -24.93 -11.73
N ASP B 172 10.62 -26.07 -12.14
CA ASP B 172 11.34 -27.35 -12.10
C ASP B 172 12.59 -27.27 -12.95
N GLU B 173 12.47 -26.65 -14.11
CA GLU B 173 13.55 -26.58 -15.10
C GLU B 173 14.70 -25.75 -14.54
N ALA B 174 14.40 -24.60 -13.92
CA ALA B 174 15.42 -23.76 -13.30
C ALA B 174 16.07 -24.43 -12.09
N LEU B 175 15.30 -25.19 -11.33
CA LEU B 175 15.82 -25.93 -10.18
C LEU B 175 16.89 -26.92 -10.62
N CYS B 176 16.58 -27.68 -11.68
CA CYS B 176 17.55 -28.62 -12.26
C CYS B 176 18.87 -27.93 -12.63
N GLN B 177 18.78 -26.77 -13.28
CA GLN B 177 19.98 -26.03 -13.65
C GLN B 177 20.76 -25.60 -12.43
N ALA B 178 20.04 -25.12 -11.40
CA ALA B 178 20.67 -24.64 -10.18
C ALA B 178 21.40 -25.76 -9.48
N VAL B 179 20.79 -26.94 -9.45
CA VAL B 179 21.39 -28.09 -8.77
C VAL B 179 22.73 -28.46 -9.42
N ARG B 180 22.77 -28.38 -10.75
CA ARG B 180 23.97 -28.69 -11.54
C ARG B 180 25.03 -27.59 -11.40
N VAL B 181 24.62 -26.34 -11.48
CA VAL B 181 25.51 -25.20 -11.27
C VAL B 181 26.24 -25.31 -9.92
N LEU B 182 25.49 -25.65 -8.87
CA LEU B 182 26.02 -25.69 -7.51
C LEU B 182 26.84 -26.95 -7.23
N GLY B 183 26.55 -28.04 -7.93
CA GLY B 183 27.27 -29.29 -7.78
C GLY B 183 26.90 -30.07 -6.54
N VAL B 184 25.65 -29.92 -6.08
CA VAL B 184 25.23 -30.53 -4.81
C VAL B 184 25.00 -32.05 -4.95
N LYS B 185 25.36 -32.79 -3.90
CA LYS B 185 25.07 -34.22 -3.83
C LYS B 185 23.77 -34.51 -3.07
N LEU B 186 23.31 -33.56 -2.24
CA LEU B 186 22.05 -33.68 -1.51
C LEU B 186 21.21 -32.40 -1.57
N VAL B 187 19.93 -32.56 -1.89
CA VAL B 187 18.93 -31.49 -1.77
C VAL B 187 18.01 -31.83 -0.59
N ILE B 188 17.87 -30.90 0.35
CA ILE B 188 16.95 -31.06 1.47
C ILE B 188 15.78 -30.15 1.23
N GLY B 189 14.61 -30.75 1.00
CA GLY B 189 13.38 -29.98 0.86
C GLY B 189 12.91 -29.53 2.23
N VAL B 190 12.69 -28.24 2.40
CA VAL B 190 12.16 -27.70 3.65
C VAL B 190 10.65 -27.71 3.50
N GLY B 191 10.04 -28.71 4.10
CA GLY B 191 8.62 -28.97 3.96
C GLY B 191 8.39 -30.03 2.90
N ARG B 192 7.25 -30.69 2.99
CA ARG B 192 6.86 -31.76 2.08
C ARG B 192 6.72 -31.33 0.63
N PHE B 193 6.19 -30.14 0.38
CA PHE B 193 5.98 -29.70 -0.98
C PHE B 193 7.32 -29.65 -1.72
N SER B 194 8.31 -29.03 -1.11
CA SER B 194 9.62 -28.82 -1.73
C SER B 194 10.42 -30.11 -1.86
N GLU B 195 10.32 -30.99 -0.86
CA GLU B 195 11.01 -32.28 -0.92
C GLU B 195 10.45 -33.10 -2.08
N GLN B 196 9.13 -33.19 -2.17
CA GLN B 196 8.44 -34.00 -3.18
C GLN B 196 8.59 -33.41 -4.58
N ARG B 197 8.55 -32.08 -4.69
CA ARG B 197 8.69 -31.40 -5.97
C ARG B 197 10.11 -31.51 -6.54
N ALA B 198 11.10 -31.49 -5.66
CA ALA B 198 12.51 -31.61 -6.07
C ALA B 198 12.81 -33.05 -6.54
N ARG B 199 12.31 -34.04 -5.79
CA ARG B 199 12.48 -35.44 -6.17
C ARG B 199 11.94 -35.70 -7.58
N LYS B 200 10.74 -35.21 -7.84
CA LYS B 200 10.05 -35.35 -9.13
C LYS B 200 10.77 -34.61 -10.27
N ALA B 201 11.20 -33.39 -10.01
CA ALA B 201 11.86 -32.57 -11.04
C ALA B 201 13.22 -33.15 -11.44
N LEU B 202 13.99 -33.58 -10.43
CA LEU B 202 15.31 -34.14 -10.67
C LEU B 202 15.23 -35.52 -11.35
N MET B 203 14.22 -36.30 -11.02
CA MET B 203 14.02 -37.61 -11.64
C MET B 203 13.66 -37.45 -13.11
N ALA B 204 12.85 -36.44 -13.41
CA ALA B 204 12.38 -36.18 -14.77
C ALA B 204 13.49 -35.74 -15.73
N GLU B 205 14.63 -35.32 -15.19
CA GLU B 205 15.79 -34.98 -16.03
C GLU B 205 17.01 -35.88 -15.76
N GLY B 206 16.83 -36.92 -14.95
CA GLY B 206 17.84 -37.95 -14.77
C GLY B 206 19.10 -37.52 -14.02
N ILE B 207 18.94 -36.63 -13.05
CA ILE B 207 20.05 -36.20 -12.21
C ILE B 207 20.07 -37.13 -11.00
N ASP B 208 21.23 -37.71 -10.71
CA ASP B 208 21.37 -38.61 -9.56
C ASP B 208 21.94 -37.84 -8.38
N VAL B 209 21.08 -37.00 -7.84
CA VAL B 209 21.32 -36.31 -6.59
C VAL B 209 20.24 -36.81 -5.62
N THR B 210 20.64 -37.15 -4.41
CA THR B 210 19.71 -37.55 -3.37
C THR B 210 18.82 -36.38 -2.97
N VAL B 211 17.57 -36.67 -2.61
CA VAL B 211 16.63 -35.66 -2.11
C VAL B 211 16.02 -36.20 -0.82
N LYS B 212 16.15 -35.41 0.25
CA LYS B 212 15.56 -35.71 1.54
C LYS B 212 14.74 -34.49 1.98
N GLY B 213 14.29 -34.47 3.22
CA GLY B 213 13.58 -33.31 3.73
C GLY B 213 13.71 -33.09 5.22
N ILE B 214 13.37 -31.87 5.62
CA ILE B 214 13.14 -31.56 7.03
C ILE B 214 11.77 -30.92 7.22
N MET B 215 11.35 -30.84 8.48
CA MET B 215 10.10 -30.19 8.81
C MET B 215 10.21 -28.70 8.47
N HIS B 216 9.15 -28.15 7.91
CA HIS B 216 9.08 -26.72 7.63
C HIS B 216 8.79 -25.96 8.94
N PRO B 217 9.44 -24.82 9.14
CA PRO B 217 9.29 -24.02 10.38
C PRO B 217 8.02 -23.17 10.53
N SER B 218 7.11 -23.18 9.57
CA SER B 218 5.91 -22.36 9.63
C SER B 218 5.13 -22.59 10.93
N PRO B 219 4.72 -21.52 11.58
CA PRO B 219 3.88 -21.64 12.77
C PRO B 219 2.43 -22.08 12.49
N ARG B 220 2.06 -22.21 11.23
CA ARG B 220 0.81 -22.87 10.84
C ARG B 220 0.87 -24.38 11.06
N ASN B 221 2.08 -24.91 11.20
CA ASN B 221 2.33 -26.29 11.56
C ASN B 221 2.41 -26.41 13.08
N PRO B 222 1.40 -26.98 13.75
CA PRO B 222 1.41 -27.07 15.21
C PRO B 222 2.61 -27.84 15.78
N GLN B 223 3.12 -28.83 15.03
CA GLN B 223 4.31 -29.60 15.43
C GLN B 223 5.50 -28.69 15.58
N ALA B 224 5.61 -27.72 14.67
CA ALA B 224 6.74 -26.80 14.65
C ALA B 224 6.67 -25.82 15.82
N ASN B 225 5.50 -25.63 16.40
CA ASN B 225 5.36 -24.75 17.56
C ASN B 225 5.65 -25.43 18.90
N LYS B 226 6.03 -26.70 18.84
CA LYS B 226 6.34 -27.46 20.04
C LYS B 226 7.81 -27.86 20.11
N GLY B 227 8.69 -27.14 19.41
CA GLY B 227 10.11 -27.43 19.46
C GLY B 227 10.69 -27.76 18.09
N TRP B 228 10.47 -26.88 17.12
CA TRP B 228 10.97 -27.07 15.75
C TRP B 228 12.46 -27.34 15.73
N GLU B 229 13.23 -26.48 16.41
CA GLU B 229 14.67 -26.55 16.35
C GLU B 229 15.19 -27.91 16.82
N GLY B 230 14.62 -28.40 17.92
CA GLY B 230 14.97 -29.71 18.44
C GLY B 230 14.68 -30.83 17.46
N ILE B 231 13.53 -30.75 16.78
CA ILE B 231 13.12 -31.76 15.82
C ILE B 231 14.08 -31.78 14.63
N VAL B 232 14.39 -30.62 14.09
CA VAL B 232 15.21 -30.53 12.89
C VAL B 232 16.68 -30.86 13.19
N ARG B 233 17.19 -30.54 14.38
CA ARG B 233 18.54 -30.96 14.76
C ARG B 233 18.67 -32.50 14.68
N GLY B 234 17.68 -33.19 15.23
CA GLY B 234 17.58 -34.65 15.13
C GLY B 234 17.45 -35.16 13.70
N GLN B 235 16.74 -34.43 12.85
CA GLN B 235 16.56 -34.82 11.46
C GLN B 235 17.86 -34.63 10.69
N LEU B 236 18.58 -33.55 10.97
CA LEU B 236 19.86 -33.29 10.34
C LEU B 236 20.94 -34.29 10.79
N LEU B 237 20.89 -34.70 12.05
CA LEU B 237 21.77 -35.77 12.54
C LEU B 237 21.52 -37.05 11.77
N GLU B 238 20.26 -37.35 11.52
CA GLU B 238 19.87 -38.58 10.84
C GLU B 238 20.25 -38.56 9.35
N LEU B 239 20.28 -37.38 8.74
CA LEU B 239 20.66 -37.25 7.33
C LEU B 239 22.18 -37.25 7.17
N GLY B 240 22.91 -37.11 8.27
CA GLY B 240 24.35 -37.22 8.26
C GLY B 240 25.07 -35.98 7.76
N VAL B 241 24.45 -34.80 7.94
CA VAL B 241 25.02 -33.55 7.44
C VAL B 241 25.57 -32.61 8.52
N LEU B 242 25.45 -32.98 9.80
CA LEU B 242 25.94 -32.12 10.88
C LEU B 242 27.45 -31.86 10.83
N SER B 243 28.22 -32.77 10.24
CA SER B 243 29.69 -32.61 10.14
C SER B 243 30.06 -31.54 9.12
N LEU B 244 29.28 -31.45 8.05
CA LEU B 244 29.42 -30.39 7.05
C LEU B 244 29.10 -29.02 7.65
N LEU B 245 28.09 -29.00 8.53
CA LEU B 245 27.63 -27.78 9.19
C LEU B 245 28.52 -27.43 10.38
N THR B 246 29.37 -28.38 10.77
CA THR B 246 30.25 -28.26 11.93
C THR B 246 29.44 -28.08 13.20
O5' 3DR D 7 -14.97 -1.83 6.29
P 3DR D 7 -13.43 -1.41 6.52
OP1 3DR D 7 -12.69 -1.34 5.25
OP2 3DR D 7 -13.45 -0.23 7.42
C2' 3DR D 7 -15.85 -6.13 4.57
C5' 3DR D 7 -15.42 -2.49 5.13
C4' 3DR D 7 -15.07 -3.98 5.14
O4' 3DR D 7 -15.65 -4.59 6.32
C1' 3DR D 7 -16.35 -5.76 5.96
C3' 3DR D 7 -15.65 -4.75 3.97
O3' 3DR D 7 -14.75 -4.78 2.87
C1 GOL E . -25.92 35.49 -5.28
O1 GOL E . -25.62 36.62 -4.42
C2 GOL E . -25.68 34.05 -4.81
O2 GOL E . -25.31 33.97 -3.45
C3 GOL E . -26.94 33.18 -4.90
O3 GOL E . -26.78 32.11 -5.78
C1 GOL F . -3.93 27.22 -13.28
O1 GOL F . -3.07 26.92 -12.20
C2 GOL F . -5.06 26.20 -13.38
O2 GOL F . -6.22 26.67 -12.71
C3 GOL F . -5.37 25.93 -14.86
O3 GOL F . -4.67 24.78 -15.28
C1 GOL G . -5.48 16.61 -14.50
O1 GOL G . -5.61 17.58 -13.53
C2 GOL G . -5.86 15.31 -13.93
O2 GOL G . -7.05 15.55 -13.27
C3 GOL G . -4.78 14.88 -12.92
O3 GOL G . -3.48 14.90 -13.48
C1 GOL H . -19.04 5.73 6.28
O1 GOL H . -20.03 5.09 5.51
C2 GOL H . -19.14 5.29 7.73
O2 GOL H . -20.23 5.94 8.33
C3 GOL H . -17.86 5.61 8.50
O3 GOL H . -16.72 5.10 7.85
C1 GOL I . 18.31 -11.33 15.98
O1 GOL I . 17.65 -12.56 16.02
C2 GOL I . 19.51 -11.38 15.05
O2 GOL I . 20.11 -12.65 14.91
C3 GOL I . 20.57 -10.55 15.66
O3 GOL I . 20.11 -9.27 15.68
C1 GOL J . -1.55 -21.50 13.74
O1 GOL J . -0.87 -22.52 14.43
C2 GOL J . -0.90 -20.14 14.00
O2 GOL J . -1.54 -19.52 15.10
C3 GOL J . -1.04 -19.21 12.78
O3 GOL J . 0.09 -19.26 11.94
C1 IPA K . 7.25 -7.60 -8.27
C2 IPA K . 7.30 -6.86 -9.55
C3 IPA K . 8.58 -6.05 -9.62
O2 IPA K . 6.21 -6.01 -9.56
#